data_6G6F
#
_entry.id   6G6F
#
_cell.length_a   42.000
_cell.length_b   58.990
_cell.length_c   47.050
_cell.angle_alpha   90.000
_cell.angle_beta   109.130
_cell.angle_gamma   90.000
#
_symmetry.space_group_name_H-M   'P 1 21 1'
#
loop_
_entity.id
_entity.type
_entity.pdbx_description
1 polymer CC-Type2-LF
2 non-polymer 2-AMINO-2-HYDROXYMETHYL-PROPANE-1,3-DIOL
3 water water
#
_entity_poly.entity_id   1
_entity_poly.type   'polypeptide(L)'
_entity_poly.pdbx_seq_one_letter_code
;(ACE)GEFAQALKEFAKALKEFAWALKEFAQALKG(NH2)
;
_entity_poly.pdbx_strand_id   A,B,C,D,E,F,G,H
#
# COMPACT_ATOMS: atom_id res chain seq x y z
N GLY A 2 8.41 18.81 -0.06
CA GLY A 2 9.26 18.24 -1.08
C GLY A 2 8.56 17.08 -1.77
N GLU A 3 9.21 16.53 -2.79
CA GLU A 3 8.50 15.56 -3.62
C GLU A 3 8.19 14.28 -2.87
N PHE A 4 9.09 13.85 -1.96
CA PHE A 4 8.81 12.64 -1.18
C PHE A 4 7.61 12.87 -0.26
N ALA A 5 7.52 14.03 0.38
CA ALA A 5 6.35 14.32 1.20
C ALA A 5 5.08 14.35 0.36
N GLN A 6 5.14 14.97 -0.83
CA GLN A 6 4.01 14.92 -1.76
C GLN A 6 3.62 13.48 -2.07
N ALA A 7 4.63 12.64 -2.36
CA ALA A 7 4.36 11.26 -2.74
C ALA A 7 3.70 10.50 -1.60
N LEU A 8 4.17 10.70 -0.37
CA LEU A 8 3.54 10.05 0.77
C LEU A 8 2.09 10.48 0.90
N LYS A 9 1.80 11.77 0.66
CA LYS A 9 0.43 12.27 0.74
C LYS A 9 -0.44 11.63 -0.35
N GLU A 10 0.07 11.58 -1.59
CA GLU A 10 -0.70 10.97 -2.67
C GLU A 10 -0.95 9.49 -2.39
N PHE A 11 0.06 8.79 -1.89
CA PHE A 11 -0.09 7.37 -1.57
C PHE A 11 -1.07 7.18 -0.43
N ALA A 12 -1.02 8.03 0.60
CA ALA A 12 -2.01 7.95 1.67
C ALA A 12 -3.42 8.16 1.14
N LYS A 13 -3.59 9.15 0.24
CA LYS A 13 -4.89 9.38 -0.37
C LYS A 13 -5.38 8.15 -1.12
N ALA A 14 -4.49 7.54 -1.89
CA ALA A 14 -4.86 6.34 -2.65
C ALA A 14 -5.21 5.18 -1.73
N LEU A 15 -4.44 5.00 -0.64
CA LEU A 15 -4.76 3.96 0.32
C LEU A 15 -6.14 4.18 0.92
N LYS A 16 -6.46 5.43 1.21
CA LYS A 16 -7.78 5.74 1.75
CA LYS A 16 -7.78 5.74 1.75
C LYS A 16 -8.88 5.42 0.75
N GLU A 17 -8.67 5.77 -0.53
CA GLU A 17 -9.68 5.47 -1.55
C GLU A 17 -9.81 3.96 -1.74
N PHE A 18 -8.69 3.24 -1.65
CA PHE A 18 -8.71 1.78 -1.76
C PHE A 18 -9.44 1.17 -0.57
N ALA A 19 -9.21 1.73 0.63
CA ALA A 19 -9.91 1.26 1.82
C ALA A 19 -11.42 1.45 1.69
N TRP A 20 -11.84 2.60 1.15
CA TRP A 20 -13.26 2.80 0.92
C TRP A 20 -13.82 1.75 -0.02
N ALA A 21 -13.09 1.47 -1.11
CA ALA A 21 -13.53 0.49 -2.09
C ALA A 21 -13.63 -0.89 -1.47
N LEU A 22 -12.68 -1.25 -0.60
CA LEU A 22 -12.75 -2.53 0.10
C LEU A 22 -13.96 -2.60 1.01
N LYS A 23 -14.24 -1.51 1.73
CA LYS A 23 -15.41 -1.47 2.61
C LYS A 23 -16.71 -1.65 1.82
N GLU A 24 -16.80 -1.02 0.65
CA GLU A 24 -17.99 -1.17 -0.17
C GLU A 24 -18.12 -2.59 -0.71
N PHE A 25 -17.00 -3.17 -1.13
CA PHE A 25 -16.98 -4.57 -1.57
C PHE A 25 -17.43 -5.49 -0.45
N ALA A 26 -16.91 -5.28 0.77
CA ALA A 26 -17.30 -6.08 1.92
C ALA A 26 -18.78 -5.94 2.22
N GLN A 27 -19.32 -4.72 2.11
CA GLN A 27 -20.74 -4.51 2.36
C GLN A 27 -21.60 -5.35 1.43
N ALA A 28 -21.20 -5.48 0.17
CA ALA A 28 -21.95 -6.30 -0.77
C ALA A 28 -21.89 -7.77 -0.38
N LEU A 29 -20.70 -8.22 0.06
CA LEU A 29 -20.53 -9.63 0.42
C LEU A 29 -21.36 -10.03 1.63
N LYS A 30 -21.66 -9.10 2.53
CA LYS A 30 -22.39 -9.48 3.73
C LYS A 30 -23.90 -9.37 3.54
N GLY A 31 -24.36 -9.03 2.34
CA GLY A 31 -25.79 -8.99 2.06
C GLY A 31 -26.40 -7.61 2.07
N GLY B 2 23.44 14.67 -3.37
CA GLY B 2 24.05 13.82 -4.37
C GLY B 2 23.20 12.67 -4.88
N GLU B 3 23.82 11.50 -5.01
CA GLU B 3 23.12 10.35 -5.58
CA GLU B 3 23.12 10.35 -5.57
C GLU B 3 21.99 9.87 -4.67
N PHE B 4 22.10 10.06 -3.37
CA PHE B 4 20.99 9.66 -2.50
C PHE B 4 19.77 10.55 -2.75
N ALA B 5 19.97 11.86 -2.87
CA ALA B 5 18.84 12.75 -3.13
C ALA B 5 18.18 12.43 -4.46
N GLN B 6 18.98 12.07 -5.45
CA GLN B 6 18.40 11.68 -6.73
C GLN B 6 17.62 10.38 -6.60
N ALA B 7 18.17 9.42 -5.84
CA ALA B 7 17.44 8.17 -5.61
C ALA B 7 16.12 8.43 -4.90
N LEU B 8 16.12 9.32 -3.89
CA LEU B 8 14.89 9.60 -3.17
C LEU B 8 13.85 10.25 -4.07
N LYS B 9 14.29 11.14 -4.96
CA LYS B 9 13.37 11.75 -5.92
C LYS B 9 12.76 10.70 -6.85
N GLU B 10 13.59 9.78 -7.36
CA GLU B 10 13.07 8.73 -8.22
C GLU B 10 12.10 7.82 -7.46
N PHE B 11 12.42 7.52 -6.20
CA PHE B 11 11.51 6.76 -5.35
C PHE B 11 10.19 7.51 -5.17
N ALA B 12 10.25 8.81 -4.90
CA ALA B 12 9.03 9.60 -4.75
C ALA B 12 8.17 9.54 -5.99
N LYS B 13 8.79 9.68 -7.17
CA LYS B 13 8.00 9.64 -8.41
C LYS B 13 7.41 8.26 -8.64
N ALA B 14 8.14 7.19 -8.31
CA ALA B 14 7.60 5.84 -8.43
C ALA B 14 6.46 5.63 -7.45
N LEU B 15 6.58 6.18 -6.23
CA LEU B 15 5.49 6.06 -5.25
C LEU B 15 4.24 6.76 -5.73
N LYS B 16 4.39 7.91 -6.39
CA LYS B 16 3.23 8.56 -7.00
C LYS B 16 2.58 7.68 -8.06
N GLU B 17 3.39 7.03 -8.91
CA GLU B 17 2.83 6.11 -9.90
C GLU B 17 2.05 4.99 -9.23
N PHE B 18 2.58 4.46 -8.12
CA PHE B 18 1.87 3.45 -7.34
C PHE B 18 0.55 4.00 -6.82
N ALA B 19 0.57 5.23 -6.31
CA ALA B 19 -0.67 5.90 -5.89
C ALA B 19 -1.69 5.96 -7.03
N TRP B 20 -1.26 6.40 -8.23
CA TRP B 20 -2.21 6.47 -9.34
C TRP B 20 -2.80 5.10 -9.64
N ALA B 21 -1.95 4.07 -9.66
CA ALA B 21 -2.41 2.72 -9.99
C ALA B 21 -3.36 2.21 -8.92
N LEU B 22 -3.09 2.51 -7.65
CA LEU B 22 -3.95 2.03 -6.59
C LEU B 22 -5.31 2.70 -6.64
N LYS B 23 -5.36 4.00 -6.98
CA LYS B 23 -6.66 4.64 -7.19
C LYS B 23 -7.41 4.01 -8.35
N GLU B 24 -6.69 3.67 -9.42
CA GLU B 24 -7.30 3.00 -10.57
C GLU B 24 -7.90 1.67 -10.14
N PHE B 25 -7.16 0.91 -9.33
CA PHE B 25 -7.64 -0.38 -8.84
C PHE B 25 -8.85 -0.23 -7.93
N ALA B 26 -8.82 0.77 -7.04
CA ALA B 26 -9.97 1.01 -6.17
C ALA B 26 -11.23 1.27 -7.00
N GLN B 27 -11.10 2.07 -8.06
CA GLN B 27 -12.24 2.35 -8.92
C GLN B 27 -12.72 1.08 -9.62
N ALA B 28 -11.78 0.20 -9.98
CA ALA B 28 -12.13 -1.00 -10.72
C ALA B 28 -12.92 -1.99 -9.85
N LEU B 29 -12.77 -1.90 -8.53
CA LEU B 29 -13.55 -2.73 -7.62
C LEU B 29 -15.01 -2.32 -7.57
N LYS B 30 -15.30 -1.03 -7.76
CA LYS B 30 -16.68 -0.55 -7.79
C LYS B 30 -17.47 -1.24 -8.88
N GLY B 31 -17.01 -1.17 -10.12
CA GLY B 31 -17.76 -1.68 -11.25
C GLY B 31 -17.88 -3.19 -11.31
N GLY C 2 26.33 6.00 -2.80
CA GLY C 2 26.87 4.65 -2.87
C GLY C 2 25.89 3.55 -3.24
N GLU C 3 26.10 2.37 -2.65
CA GLU C 3 25.30 1.22 -3.01
C GLU C 3 23.86 1.33 -2.50
N PHE C 4 23.64 2.02 -1.39
CA PHE C 4 22.27 2.21 -0.92
C PHE C 4 21.48 3.04 -1.92
N ALA C 5 22.05 4.15 -2.39
CA ALA C 5 21.35 4.99 -3.36
C ALA C 5 21.09 4.22 -4.65
N GLN C 6 22.07 3.45 -5.10
CA GLN C 6 21.87 2.63 -6.30
CA GLN C 6 21.87 2.63 -6.30
C GLN C 6 20.74 1.63 -6.12
N ALA C 7 20.68 1.00 -4.94
CA ALA C 7 19.63 0.01 -4.70
C ALA C 7 18.26 0.68 -4.58
N LEU C 8 18.22 1.88 -4.01
CA LEU C 8 16.95 2.60 -3.93
C LEU C 8 16.45 2.98 -5.31
N LYS C 9 17.37 3.36 -6.22
CA LYS C 9 16.98 3.63 -7.61
C LYS C 9 16.46 2.37 -8.28
N GLU C 10 17.11 1.23 -8.04
CA GLU C 10 16.62 -0.05 -8.56
C GLU C 10 15.23 -0.35 -8.02
N PHE C 11 15.03 -0.14 -6.72
CA PHE C 11 13.71 -0.38 -6.13
C PHE C 11 12.65 0.54 -6.74
N ALA C 12 13.00 1.81 -6.94
CA ALA C 12 12.06 2.74 -7.55
C ALA C 12 11.65 2.28 -8.93
N LYS C 13 12.60 1.80 -9.74
CA LYS C 13 12.26 1.31 -11.06
C LYS C 13 11.32 0.12 -10.97
N ALA C 14 11.57 -0.79 -10.02
CA ALA C 14 10.71 -1.96 -9.85
C ALA C 14 9.32 -1.53 -9.40
N LEU C 15 9.25 -0.56 -8.50
CA LEU C 15 7.97 -0.08 -8.00
C LEU C 15 7.16 0.55 -9.12
N LYS C 16 7.83 1.33 -9.99
CA LYS C 16 7.17 1.91 -11.15
C LYS C 16 6.60 0.83 -12.04
N GLU C 17 7.39 -0.22 -12.29
CA GLU C 17 6.92 -1.31 -13.14
CA GLU C 17 6.91 -1.31 -13.15
C GLU C 17 5.72 -2.01 -12.52
N PHE C 18 5.76 -2.23 -11.20
CA PHE C 18 4.61 -2.83 -10.54
C PHE C 18 3.39 -1.92 -10.66
N ALA C 19 3.57 -0.61 -10.45
CA ALA C 19 2.44 0.31 -10.55
C ALA C 19 1.81 0.24 -11.93
N TRP C 20 2.63 0.22 -12.99
CA TRP C 20 2.08 0.15 -14.33
C TRP C 20 1.31 -1.14 -14.56
N ALA C 21 1.83 -2.24 -14.01
CA ALA C 21 1.16 -3.52 -14.16
C ALA C 21 -0.18 -3.51 -13.42
N LEU C 22 -0.20 -2.94 -12.21
CA LEU C 22 -1.44 -2.80 -11.45
C LEU C 22 -2.44 -1.93 -12.18
N LYS C 23 -1.97 -0.82 -12.76
CA LYS C 23 -2.87 0.05 -13.51
C LYS C 23 -3.43 -0.67 -14.72
N GLU C 24 -2.59 -1.44 -15.43
CA GLU C 24 -3.06 -2.21 -16.57
C GLU C 24 -4.11 -3.23 -16.15
N PHE C 25 -3.86 -3.94 -15.04
CA PHE C 25 -4.87 -4.88 -14.52
C PHE C 25 -6.17 -4.16 -14.17
N ALA C 26 -6.08 -3.04 -13.46
CA ALA C 26 -7.28 -2.31 -13.07
C ALA C 26 -8.08 -1.89 -14.29
N GLN C 27 -7.40 -1.38 -15.31
CA GLN C 27 -8.15 -0.90 -16.48
C GLN C 27 -8.71 -2.07 -17.29
N ALA C 28 -8.02 -3.22 -17.30
CA ALA C 28 -8.60 -4.42 -17.90
C ALA C 28 -9.81 -4.90 -17.11
N LEU C 29 -9.79 -4.77 -15.78
CA LEU C 29 -10.95 -5.13 -14.96
C LEU C 29 -12.10 -4.17 -15.21
N LYS C 30 -11.80 -2.88 -15.43
CA LYS C 30 -12.86 -1.94 -15.79
C LYS C 30 -13.54 -2.32 -17.11
N GLY C 31 -12.77 -2.87 -18.05
CA GLY C 31 -13.34 -3.32 -19.32
C GLY C 31 -13.57 -2.23 -20.35
N GLY D 2 25.58 -1.91 2.71
CA GLY D 2 25.62 -3.32 3.09
C GLY D 2 24.31 -4.07 3.09
N GLU D 3 23.82 -4.40 4.29
CA GLU D 3 22.62 -5.22 4.40
C GLU D 3 21.41 -4.50 3.83
N PHE D 4 21.33 -3.16 3.98
CA PHE D 4 20.18 -2.42 3.49
C PHE D 4 20.14 -2.43 1.96
N ALA D 5 21.29 -2.18 1.32
CA ALA D 5 21.33 -2.20 -0.13
C ALA D 5 20.94 -3.56 -0.69
N GLN D 6 21.48 -4.64 -0.09
CA GLN D 6 21.12 -5.98 -0.54
CA GLN D 6 21.12 -5.98 -0.54
C GLN D 6 19.61 -6.22 -0.38
N ALA D 7 19.04 -5.81 0.75
CA ALA D 7 17.61 -5.96 0.97
C ALA D 7 16.82 -5.25 -0.11
N LEU D 8 17.16 -3.99 -0.38
CA LEU D 8 16.45 -3.25 -1.43
C LEU D 8 16.52 -3.97 -2.77
N LYS D 9 17.69 -4.52 -3.10
CA LYS D 9 17.80 -5.22 -4.38
C LYS D 9 16.93 -6.46 -4.42
N GLU D 10 16.86 -7.19 -3.29
CA GLU D 10 15.99 -8.36 -3.23
C GLU D 10 14.52 -7.96 -3.35
N PHE D 11 14.12 -6.88 -2.68
CA PHE D 11 12.74 -6.39 -2.80
C PHE D 11 12.43 -5.99 -4.24
N ALA D 12 13.36 -5.28 -4.88
CA ALA D 12 13.16 -4.85 -6.26
C ALA D 12 12.99 -6.04 -7.19
N LYS D 13 13.81 -7.08 -7.01
CA LYS D 13 13.68 -8.28 -7.85
C LYS D 13 12.30 -8.90 -7.67
N ALA D 14 11.84 -9.04 -6.42
CA ALA D 14 10.53 -9.65 -6.18
C ALA D 14 9.40 -8.77 -6.73
N LEU D 15 9.54 -7.45 -6.62
CA LEU D 15 8.49 -6.56 -7.12
C LEU D 15 8.27 -6.71 -8.61
N LYS D 16 9.36 -6.80 -9.39
CA LYS D 16 9.21 -6.94 -10.83
C LYS D 16 8.54 -8.26 -11.18
N GLU D 17 8.84 -9.31 -10.43
CA GLU D 17 8.20 -10.59 -10.66
C GLU D 17 6.70 -10.52 -10.36
N PHE D 18 6.31 -9.79 -9.30
CA PHE D 18 4.88 -9.57 -9.06
C PHE D 18 4.26 -8.81 -10.23
N ALA D 19 4.98 -7.81 -10.75
CA ALA D 19 4.46 -7.04 -11.88
C ALA D 19 4.23 -7.93 -13.10
N TRP D 20 5.17 -8.84 -13.39
CA TRP D 20 5.01 -9.70 -14.56
C TRP D 20 3.82 -10.63 -14.40
N ALA D 21 3.56 -11.11 -13.18
CA ALA D 21 2.38 -11.94 -12.94
C ALA D 21 1.10 -11.15 -13.15
N LEU D 22 1.07 -9.93 -12.62
CA LEU D 22 -0.08 -9.04 -12.78
C LEU D 22 -0.33 -8.69 -14.24
N LYS D 23 0.73 -8.42 -15.01
CA LYS D 23 0.56 -8.19 -16.45
C LYS D 23 -0.11 -9.37 -17.13
N GLU D 24 0.25 -10.59 -16.73
CA GLU D 24 -0.37 -11.79 -17.30
C GLU D 24 -1.83 -11.89 -16.90
N PHE D 25 -2.16 -11.56 -15.65
CA PHE D 25 -3.55 -11.53 -15.22
C PHE D 25 -4.35 -10.55 -16.08
N ALA D 26 -3.75 -9.38 -16.37
CA ALA D 26 -4.44 -8.37 -17.16
C ALA D 26 -4.70 -8.88 -18.57
N GLN D 27 -3.71 -9.54 -19.18
CA GLN D 27 -3.89 -10.07 -20.53
C GLN D 27 -4.98 -11.14 -20.57
N ALA D 28 -5.04 -11.99 -19.53
CA ALA D 28 -6.08 -13.01 -19.49
C ALA D 28 -7.48 -12.41 -19.44
N LEU D 29 -7.64 -11.24 -18.81
CA LEU D 29 -8.94 -10.57 -18.77
C LEU D 29 -9.43 -10.17 -20.15
N LYS D 30 -8.55 -9.99 -21.13
CA LYS D 30 -8.98 -9.56 -22.45
C LYS D 30 -9.05 -10.75 -23.41
N GLY E 2 21.92 5.06 9.12
CA GLY E 2 21.19 5.83 10.11
C GLY E 2 19.70 5.56 10.08
N GLU E 3 18.93 6.33 10.86
CA GLU E 3 17.52 6.03 11.06
C GLU E 3 16.69 6.30 9.81
N PHE E 4 17.07 7.30 9.00
CA PHE E 4 16.31 7.57 7.78
C PHE E 4 16.49 6.45 6.77
N ALA E 5 17.73 5.99 6.56
CA ALA E 5 17.93 4.87 5.66
C ALA E 5 17.21 3.63 6.17
N GLN E 6 17.25 3.38 7.49
CA GLN E 6 16.52 2.25 8.04
CA GLN E 6 16.51 2.26 8.06
C GLN E 6 15.02 2.38 7.79
N ALA E 7 14.47 3.58 8.00
CA ALA E 7 13.05 3.79 7.74
C ALA E 7 12.72 3.57 6.27
N LEU E 8 13.58 4.05 5.37
CA LEU E 8 13.31 3.82 3.94
C LEU E 8 13.33 2.34 3.62
N LYS E 9 14.27 1.59 4.19
CA LYS E 9 14.34 0.17 3.88
C LYS E 9 13.11 -0.56 4.42
N GLU E 10 12.66 -0.21 5.63
CA GLU E 10 11.47 -0.85 6.17
CA GLU E 10 11.47 -0.86 6.16
C GLU E 10 10.24 -0.49 5.35
N PHE E 11 10.17 0.77 4.90
CA PHE E 11 9.06 1.20 4.05
C PHE E 11 9.08 0.49 2.70
N ALA E 12 10.25 0.35 2.08
CA ALA E 12 10.34 -0.43 0.85
C ALA E 12 9.91 -1.88 1.06
N LYS E 13 10.31 -2.48 2.18
CA LYS E 13 9.90 -3.85 2.43
C LYS E 13 8.39 -3.95 2.55
N ALA E 14 7.77 -3.00 3.26
CA ALA E 14 6.32 -3.00 3.40
C ALA E 14 5.63 -2.78 2.07
N LEU E 15 6.18 -1.90 1.23
CA LEU E 15 5.63 -1.70 -0.12
C LEU E 15 5.68 -2.99 -0.92
N LYS E 16 6.78 -3.73 -0.81
CA LYS E 16 6.90 -5.02 -1.50
C LYS E 16 5.89 -6.02 -0.99
N GLU E 17 5.69 -6.08 0.33
CA GLU E 17 4.71 -7.01 0.89
CA GLU E 17 4.71 -7.01 0.89
C GLU E 17 3.29 -6.62 0.47
N PHE E 18 3.02 -5.32 0.43
CA PHE E 18 1.70 -4.84 0.02
C PHE E 18 1.47 -5.13 -1.46
N ALA E 19 2.51 -4.99 -2.28
CA ALA E 19 2.37 -5.31 -3.70
C ALA E 19 2.10 -6.79 -3.92
N TRP E 20 2.78 -7.65 -3.14
CA TRP E 20 2.49 -9.07 -3.21
C TRP E 20 1.03 -9.34 -2.87
N ALA E 21 0.54 -8.70 -1.82
CA ALA E 21 -0.85 -8.91 -1.42
C ALA E 21 -1.82 -8.41 -2.48
N LEU E 22 -1.50 -7.29 -3.11
CA LEU E 22 -2.34 -6.79 -4.19
C LEU E 22 -2.36 -7.79 -5.34
N LYS E 23 -1.21 -8.35 -5.69
CA LYS E 23 -1.15 -9.36 -6.75
C LYS E 23 -1.98 -10.58 -6.36
N GLU E 24 -1.89 -11.01 -5.10
CA GLU E 24 -2.70 -12.14 -4.63
C GLU E 24 -4.18 -11.81 -4.69
N PHE E 25 -4.55 -10.61 -4.29
CA PHE E 25 -5.95 -10.18 -4.32
C PHE E 25 -6.46 -10.10 -5.76
N ALA E 26 -5.64 -9.58 -6.67
CA ALA E 26 -6.04 -9.50 -8.07
C ALA E 26 -6.30 -10.89 -8.64
N GLN E 27 -5.46 -11.87 -8.28
CA GLN E 27 -5.67 -13.23 -8.75
C GLN E 27 -6.98 -13.79 -8.22
N ALA E 28 -7.31 -13.47 -6.97
CA ALA E 28 -8.53 -13.97 -6.35
C ALA E 28 -9.78 -13.37 -6.95
N LEU E 29 -9.68 -12.18 -7.56
CA LEU E 29 -10.86 -11.51 -8.10
C LEU E 29 -11.40 -12.19 -9.34
N LYS E 30 -10.60 -13.05 -10.00
CA LYS E 30 -11.11 -13.82 -11.12
C LYS E 30 -10.71 -15.28 -10.98
N GLY F 2 14.88 11.76 12.80
CA GLY F 2 13.96 12.35 13.75
C GLY F 2 12.55 11.80 13.74
N GLU F 3 11.59 12.68 14.00
CA GLU F 3 10.19 12.26 14.01
C GLU F 3 9.72 11.83 12.63
N PHE F 4 10.27 12.41 11.56
CA PHE F 4 9.86 12.01 10.22
C PHE F 4 10.23 10.55 9.97
N ALA F 5 11.46 10.16 10.29
CA ALA F 5 11.86 8.77 10.10
C ALA F 5 11.04 7.85 10.98
N GLN F 6 10.73 8.30 12.21
CA GLN F 6 9.89 7.50 13.08
C GLN F 6 8.50 7.31 12.49
N ALA F 7 7.93 8.38 11.93
CA ALA F 7 6.62 8.30 11.30
C ALA F 7 6.65 7.38 10.09
N LEU F 8 7.72 7.43 9.30
CA LEU F 8 7.83 6.53 8.16
C LEU F 8 7.93 5.07 8.62
N LYS F 9 8.59 4.81 9.75
CA LYS F 9 8.65 3.45 10.27
C LYS F 9 7.27 2.98 10.70
N GLU F 10 6.50 3.86 11.33
CA GLU F 10 5.16 3.48 11.74
CA GLU F 10 5.14 3.52 11.74
C GLU F 10 4.25 3.27 10.52
N PHE F 11 4.41 4.10 9.49
CA PHE F 11 3.70 3.89 8.23
C PHE F 11 4.06 2.54 7.63
N ALA F 12 5.35 2.18 7.67
CA ALA F 12 5.75 0.88 7.13
C ALA F 12 5.09 -0.27 7.89
N LYS F 13 5.07 -0.21 9.23
CA LYS F 13 4.44 -1.27 10.01
C LYS F 13 2.96 -1.38 9.67
N ALA F 14 2.27 -0.25 9.52
CA ALA F 14 0.85 -0.27 9.23
C ALA F 14 0.60 -0.84 7.84
N LEU F 15 1.47 -0.50 6.89
CA LEU F 15 1.28 -1.01 5.55
C LEU F 15 1.52 -2.50 5.50
N LYS F 16 2.48 -2.99 6.29
CA LYS F 16 2.67 -4.43 6.43
C LYS F 16 1.44 -5.12 7.00
N GLU F 17 0.82 -4.52 8.02
CA GLU F 17 -0.41 -5.09 8.54
C GLU F 17 -1.50 -5.11 7.46
N PHE F 18 -1.58 -4.04 6.66
CA PHE F 18 -2.55 -4.01 5.57
C PHE F 18 -2.27 -5.13 4.56
N ALA F 19 -1.00 -5.39 4.28
CA ALA F 19 -0.66 -6.47 3.37
C ALA F 19 -1.17 -7.81 3.89
N TRP F 20 -0.97 -8.10 5.17
CA TRP F 20 -1.46 -9.38 5.70
C TRP F 20 -2.98 -9.44 5.65
N ALA F 21 -3.64 -8.33 5.99
CA ALA F 21 -5.10 -8.27 5.96
C ALA F 21 -5.64 -8.50 4.55
N LEU F 22 -5.00 -7.88 3.54
CA LEU F 22 -5.48 -8.05 2.17
C LEU F 22 -5.27 -9.48 1.69
N LYS F 23 -4.14 -10.10 2.06
CA LYS F 23 -3.95 -11.51 1.74
C LYS F 23 -5.03 -12.37 2.38
N GLU F 24 -5.38 -12.09 3.64
CA GLU F 24 -6.44 -12.86 4.30
C GLU F 24 -7.75 -12.72 3.56
N PHE F 25 -8.05 -11.51 3.10
CA PHE F 25 -9.26 -11.27 2.33
C PHE F 25 -9.22 -12.03 1.01
N ALA F 26 -8.06 -12.02 0.33
CA ALA F 26 -7.91 -12.81 -0.88
C ALA F 26 -8.13 -14.30 -0.61
N GLN F 27 -7.59 -14.82 0.49
CA GLN F 27 -7.84 -16.21 0.88
C GLN F 27 -9.32 -16.48 1.06
N ALA F 28 -10.05 -15.54 1.69
CA ALA F 28 -11.47 -15.74 1.94
C ALA F 28 -12.28 -15.75 0.65
N LEU F 29 -11.87 -14.92 -0.32
CA LEU F 29 -12.55 -14.88 -1.61
C LEU F 29 -12.37 -16.18 -2.37
N LYS F 30 -11.12 -16.65 -2.46
CA LYS F 30 -10.81 -17.90 -3.15
C LYS F 30 -11.68 -19.05 -2.64
N GLY F 31 -11.36 -19.58 -1.47
CA GLY F 31 -12.05 -20.73 -0.94
C GLY F 31 -13.12 -20.40 0.08
N GLY G 2 7.67 17.25 11.65
CA GLY G 2 6.93 18.12 12.56
C GLY G 2 5.43 17.91 12.56
N GLU G 3 4.69 18.91 12.07
CA GLU G 3 3.25 18.71 11.88
C GLU G 3 2.98 17.59 10.88
N PHE G 4 3.77 17.54 9.79
CA PHE G 4 3.64 16.46 8.82
C PHE G 4 3.95 15.11 9.43
N ALA G 5 5.04 15.02 10.20
CA ALA G 5 5.39 13.73 10.81
C ALA G 5 4.30 13.26 11.76
N GLN G 6 3.73 14.18 12.54
CA GLN G 6 2.70 13.76 13.48
C GLN G 6 1.44 13.30 12.75
N ALA G 7 1.08 14.00 11.68
CA ALA G 7 -0.09 13.61 10.91
C ALA G 7 0.15 12.28 10.19
N LEU G 8 1.40 12.01 9.77
CA LEU G 8 1.67 10.72 9.15
C LEU G 8 1.57 9.60 10.17
N LYS G 9 2.00 9.86 11.42
CA LYS G 9 1.81 8.87 12.49
C LYS G 9 0.33 8.61 12.73
N GLU G 10 -0.48 9.67 12.75
CA GLU G 10 -1.92 9.50 12.92
C GLU G 10 -2.52 8.70 11.79
N PHE G 11 -2.11 8.98 10.55
CA PHE G 11 -2.58 8.20 9.41
C PHE G 11 -2.18 6.73 9.55
N ALA G 12 -0.92 6.47 9.92
CA ALA G 12 -0.44 5.10 10.03
C ALA G 12 -1.25 4.33 11.06
N LYS G 13 -1.54 4.94 12.21
CA LYS G 13 -2.31 4.24 13.23
C LYS G 13 -3.71 3.90 12.72
N ALA G 14 -4.34 4.83 12.00
CA ALA G 14 -5.67 4.56 11.46
C ALA G 14 -5.60 3.48 10.39
N LEU G 15 -4.53 3.48 9.60
CA LEU G 15 -4.38 2.46 8.57
C LEU G 15 -4.21 1.08 9.20
N LYS G 16 -3.38 1.00 10.25
CA LYS G 16 -3.21 -0.25 11.00
C LYS G 16 -4.54 -0.76 11.53
N GLU G 17 -5.33 0.12 12.13
CA GLU G 17 -6.64 -0.29 12.64
C GLU G 17 -7.58 -0.73 11.51
N PHE G 18 -7.54 -0.04 10.38
CA PHE G 18 -8.32 -0.49 9.23
C PHE G 18 -7.90 -1.89 8.81
N ALA G 19 -6.59 -2.11 8.67
CA ALA G 19 -6.09 -3.45 8.33
C ALA G 19 -6.68 -4.50 9.26
N TRP G 20 -6.68 -4.23 10.57
CA TRP G 20 -7.13 -5.26 11.51
C TRP G 20 -8.62 -5.50 11.37
N ALA G 21 -9.40 -4.46 11.07
CA ALA G 21 -10.83 -4.64 10.85
C ALA G 21 -11.11 -5.43 9.57
N LEU G 22 -10.33 -5.15 8.51
CA LEU G 22 -10.45 -5.90 7.27
C LEU G 22 -10.12 -7.37 7.50
N LYS G 23 -9.08 -7.64 8.28
CA LYS G 23 -8.70 -9.03 8.53
C LYS G 23 -9.78 -9.73 9.33
N GLU G 24 -10.38 -9.02 10.29
CA GLU G 24 -11.51 -9.59 11.04
CA GLU G 24 -11.51 -9.60 11.03
C GLU G 24 -12.67 -9.92 10.10
N PHE G 25 -12.98 -9.02 9.16
CA PHE G 25 -14.04 -9.29 8.20
C PHE G 25 -13.70 -10.51 7.34
N ALA G 26 -12.46 -10.58 6.86
CA ALA G 26 -12.03 -11.73 6.05
C ALA G 26 -12.19 -13.02 6.84
N GLN G 27 -11.85 -12.97 8.13
CA GLN G 27 -11.93 -14.19 8.93
C GLN G 27 -13.37 -14.59 9.20
N ALA G 28 -14.28 -13.61 9.32
CA ALA G 28 -15.69 -13.93 9.41
C ALA G 28 -16.21 -14.57 8.12
N LEU G 29 -15.69 -14.14 6.96
CA LEU G 29 -16.03 -14.78 5.70
C LEU G 29 -15.55 -16.22 5.64
N LYS G 30 -14.51 -16.56 6.39
CA LYS G 30 -14.00 -17.92 6.50
C LYS G 30 -14.73 -18.72 7.59
N GLY G 31 -15.77 -18.15 8.18
CA GLY G 31 -16.58 -18.85 9.16
C GLY G 31 -16.10 -18.80 10.62
N GLY H 2 1.72 21.00 6.49
CA GLY H 2 0.74 22.09 6.44
C GLY H 2 -0.55 21.67 5.76
N GLU H 3 -0.63 21.88 4.45
CA GLU H 3 -1.76 21.37 3.70
C GLU H 3 -1.72 19.86 3.61
N PHE H 4 -0.51 19.28 3.55
CA PHE H 4 -0.39 17.82 3.56
C PHE H 4 -0.82 17.26 4.90
N ALA H 5 -0.49 17.95 6.00
CA ALA H 5 -0.89 17.43 7.32
C ALA H 5 -2.40 17.39 7.47
N GLN H 6 -3.10 18.44 7.02
CA GLN H 6 -4.56 18.43 7.12
C GLN H 6 -5.15 17.31 6.27
N ALA H 7 -4.57 17.04 5.10
CA ALA H 7 -5.07 15.97 4.25
C ALA H 7 -4.88 14.61 4.92
N LEU H 8 -3.69 14.36 5.47
CA LEU H 8 -3.45 13.11 6.17
C LEU H 8 -4.43 12.92 7.33
N LYS H 9 -4.72 14.00 8.07
CA LYS H 9 -5.70 13.90 9.15
C LYS H 9 -7.10 13.57 8.61
N GLU H 10 -7.47 14.14 7.47
CA GLU H 10 -8.77 13.80 6.89
CA GLU H 10 -8.77 13.81 6.87
C GLU H 10 -8.80 12.34 6.46
N PHE H 11 -7.71 11.84 5.88
CA PHE H 11 -7.68 10.43 5.48
C PHE H 11 -7.77 9.52 6.70
N ALA H 12 -7.09 9.89 7.79
CA ALA H 12 -7.13 9.08 9.01
C ALA H 12 -8.54 9.02 9.57
N LYS H 13 -9.25 10.15 9.56
CA LYS H 13 -10.64 10.20 10.00
C LYS H 13 -11.49 9.23 9.20
N ALA H 14 -11.35 9.26 7.88
CA ALA H 14 -12.11 8.36 7.01
C ALA H 14 -11.80 6.90 7.31
N LEU H 15 -10.51 6.56 7.49
CA LEU H 15 -10.15 5.17 7.75
C LEU H 15 -10.76 4.67 9.05
N LYS H 16 -10.84 5.53 10.06
CA LYS H 16 -11.48 5.14 11.32
C LYS H 16 -12.93 4.77 11.09
N GLU H 17 -13.63 5.56 10.27
CA GLU H 17 -15.03 5.28 9.97
CA GLU H 17 -15.03 5.26 10.00
C GLU H 17 -15.18 3.97 9.19
N PHE H 18 -14.29 3.76 8.22
CA PHE H 18 -14.37 2.53 7.42
C PHE H 18 -14.12 1.31 8.29
N ALA H 19 -13.19 1.41 9.23
CA ALA H 19 -12.86 0.27 10.08
C ALA H 19 -14.06 -0.12 10.94
N TRP H 20 -14.74 0.87 11.50
CA TRP H 20 -15.93 0.57 12.29
C TRP H 20 -16.97 -0.15 11.45
N ALA H 21 -17.18 0.29 10.20
CA ALA H 21 -18.16 -0.38 9.35
C ALA H 21 -17.77 -1.83 9.09
N LEU H 22 -16.49 -2.09 8.83
CA LEU H 22 -16.02 -3.47 8.60
C LEU H 22 -16.23 -4.33 9.83
N LYS H 23 -16.02 -3.78 11.03
CA LYS H 23 -16.26 -4.55 12.25
CA LYS H 23 -16.26 -4.55 12.25
C LYS H 23 -17.74 -4.87 12.42
N GLU H 24 -18.61 -3.93 12.04
CA GLU H 24 -20.05 -4.20 12.05
C GLU H 24 -20.40 -5.29 11.05
N PHE H 25 -19.83 -5.22 9.85
CA PHE H 25 -20.06 -6.26 8.85
C PHE H 25 -19.57 -7.61 9.36
N ALA H 26 -18.40 -7.65 9.99
CA ALA H 26 -17.85 -8.92 10.49
C ALA H 26 -18.79 -9.53 11.52
N GLN H 27 -19.32 -8.70 12.42
CA GLN H 27 -20.31 -9.19 13.39
C GLN H 27 -21.56 -9.71 12.69
N ALA H 28 -21.99 -9.02 11.63
CA ALA H 28 -23.17 -9.49 10.89
C ALA H 28 -22.95 -10.86 10.27
N LEU H 29 -21.71 -11.17 9.88
CA LEU H 29 -21.44 -12.48 9.30
C LEU H 29 -21.36 -13.58 10.35
N LYS H 30 -21.43 -13.23 11.64
CA LYS H 30 -21.49 -14.21 12.73
C LYS H 30 -22.94 -14.45 13.11
#